data_7AED
#
_entry.id   7AED
#
_cell.length_a   124.521
_cell.length_b   124.521
_cell.length_c   66.426
_cell.angle_alpha   90.000
_cell.angle_beta   90.000
_cell.angle_gamma   120.000
#
_symmetry.space_group_name_H-M   'H 3'
#
loop_
_entity.id
_entity.type
_entity.pdbx_description
1 polymer PrgL
2 non-polymer 2-[BIS-(2-HYDROXY-ETHYL)-AMINO]-2-HYDROXYMETHYL-PROPANE-1,3-DIOL
3 water water
#
_entity_poly.entity_id   1
_entity_poly.type   'polypeptide(L)'
_entity_poly.pdbx_seq_one_letter_code
;SVGQRKQVNTNEKQVKVEKKEELTTSTVKKFLIAYYTKKDLGENRNRYEPLVTSAMYNELVNVEKQPVNQAYKGYVVNQV
LDTYKIYIDTENNEVIVDVTYKNTQRTKRNNDEGALKNQSNQEALKLTFVKQGANFLVDKMAPVTLTNELQEEPNSYNTH
VVTTEESAKESANSGEKLEVLFQGPHHHHHHHHHH
;
_entity_poly.pdbx_strand_id   A,B
#
loop_
_chem_comp.id
_chem_comp.type
_chem_comp.name
_chem_comp.formula
BTB non-polymer 2-[BIS-(2-HYDROXY-ETHYL)-AMINO]-2-HYDROXYMETHYL-PROPANE-1,3-DIOL 'C8 H19 N O5'
#
# COMPACT_ATOMS: atom_id res chain seq x y z
N GLU A 21 -5.01 -11.65 19.21
CA GLU A 21 -6.30 -11.30 18.63
C GLU A 21 -6.13 -10.44 17.38
N GLU A 22 -5.82 -9.16 17.58
CA GLU A 22 -5.57 -8.24 16.49
C GLU A 22 -4.07 -8.17 16.21
N LEU A 23 -3.71 -8.02 14.94
CA LEU A 23 -2.31 -7.89 14.57
C LEU A 23 -1.82 -6.49 14.91
N THR A 24 -0.68 -6.38 15.59
CA THR A 24 -0.23 -5.09 16.08
C THR A 24 0.99 -4.61 15.31
N THR A 25 1.20 -3.31 15.36
CA THR A 25 2.37 -2.74 14.69
C THR A 25 3.68 -3.26 15.31
N SER A 26 3.66 -3.59 16.61
CA SER A 26 4.86 -4.13 17.25
C SER A 26 5.33 -5.42 16.56
N THR A 27 4.38 -6.31 16.23
CA THR A 27 4.72 -7.53 15.52
C THR A 27 5.30 -7.24 14.15
N VAL A 28 4.69 -6.31 13.41
CA VAL A 28 5.19 -5.98 12.09
C VAL A 28 6.61 -5.41 12.18
N LYS A 29 6.82 -4.48 13.12
CA LYS A 29 8.13 -3.85 13.28
C LYS A 29 9.22 -4.88 13.57
N LYS A 30 8.94 -5.87 14.42
CA LYS A 30 9.93 -6.90 14.72
C LYS A 30 10.35 -7.64 13.46
N PHE A 31 9.38 -7.92 12.59
CA PHE A 31 9.71 -8.58 11.33
C PHE A 31 10.54 -7.67 10.43
N LEU A 32 10.15 -6.40 10.28
CA LEU A 32 10.90 -5.48 9.43
C LEU A 32 12.34 -5.34 9.90
N ILE A 33 12.55 -5.28 11.22
CA ILE A 33 13.92 -5.20 11.73
C ILE A 33 14.73 -6.43 11.30
N ALA A 34 14.16 -7.62 11.47
CA ALA A 34 14.87 -8.85 11.13
C ALA A 34 15.09 -8.97 9.62
N TYR A 35 14.10 -8.55 8.84
CA TYR A 35 14.17 -8.76 7.40
C TYR A 35 15.10 -7.77 6.70
N TYR A 36 15.20 -6.53 7.20
CA TYR A 36 16.01 -5.52 6.53
C TYR A 36 17.39 -5.31 7.14
N THR A 37 17.65 -5.82 8.36
CA THR A 37 18.91 -5.54 9.03
C THR A 37 19.78 -6.81 8.92
N LYS A 38 20.90 -6.71 8.21
CA LYS A 38 21.76 -7.88 8.00
C LYS A 38 23.17 -7.44 7.63
N LYS A 39 24.16 -8.26 8.02
CA LYS A 39 25.55 -7.95 7.67
C LYS A 39 25.85 -8.27 6.20
N ASP A 40 25.13 -9.22 5.63
CA ASP A 40 25.43 -9.74 4.30
C ASP A 40 24.23 -10.61 3.91
N LEU A 41 24.13 -10.91 2.61
CA LEU A 41 23.05 -11.78 2.15
C LEU A 41 23.02 -13.08 2.95
N GLY A 42 21.86 -13.39 3.52
CA GLY A 42 21.66 -14.63 4.24
C GLY A 42 22.00 -14.61 5.72
N GLU A 43 22.72 -13.59 6.20
CA GLU A 43 23.14 -13.54 7.59
C GLU A 43 21.97 -13.36 8.55
N ASN A 44 20.82 -12.89 8.09
CA ASN A 44 19.66 -12.68 8.94
C ASN A 44 18.66 -13.84 8.90
N ARG A 45 18.95 -14.93 8.17
CA ARG A 45 17.99 -16.03 8.07
C ARG A 45 17.57 -16.55 9.42
N ASN A 46 18.52 -16.68 10.35
CA ASN A 46 18.18 -17.23 11.65
C ASN A 46 17.29 -16.31 12.45
N ARG A 47 17.31 -15.01 12.17
CA ARG A 47 16.49 -14.06 12.92
C ARG A 47 15.11 -13.87 12.28
N TYR A 48 14.97 -14.04 10.97
CA TYR A 48 13.60 -13.98 10.47
C TYR A 48 12.90 -15.33 10.45
N GLU A 49 13.65 -16.43 10.57
CA GLU A 49 13.00 -17.75 10.57
C GLU A 49 11.89 -17.90 11.61
N PRO A 50 12.06 -17.48 12.88
CA PRO A 50 10.95 -17.63 13.86
C PRO A 50 9.76 -16.72 13.61
N LEU A 51 9.85 -15.78 12.67
CA LEU A 51 8.82 -14.76 12.46
C LEU A 51 7.99 -15.02 11.21
N VAL A 52 8.26 -16.11 10.49
CA VAL A 52 7.61 -16.41 9.21
C VAL A 52 7.18 -17.87 9.22
N THR A 53 6.19 -18.19 8.38
CA THR A 53 5.79 -19.58 8.23
C THR A 53 6.89 -20.37 7.52
N SER A 54 6.80 -21.71 7.59
CA SER A 54 7.79 -22.54 6.90
C SER A 54 7.77 -22.29 5.40
N ALA A 55 6.58 -22.15 4.81
CA ALA A 55 6.49 -21.86 3.39
C ALA A 55 7.16 -20.52 3.05
N MET A 56 6.84 -19.48 3.83
CA MET A 56 7.45 -18.17 3.60
C MET A 56 8.97 -18.21 3.74
N TYR A 57 9.48 -18.96 4.72
CA TYR A 57 10.92 -19.05 4.89
C TYR A 57 11.58 -19.65 3.65
N ASN A 58 11.02 -20.76 3.17
CA ASN A 58 11.58 -21.38 1.96
C ASN A 58 11.53 -20.44 0.78
N GLU A 59 10.44 -19.68 0.65
CA GLU A 59 10.32 -18.73 -0.44
C GLU A 59 11.35 -17.61 -0.33
N LEU A 60 11.60 -17.12 0.88
CA LEU A 60 12.57 -16.04 1.05
C LEU A 60 13.98 -16.52 0.72
N VAL A 61 14.32 -17.73 1.18
CA VAL A 61 15.63 -18.30 0.88
C VAL A 61 15.80 -18.50 -0.62
N ASN A 62 14.74 -18.94 -1.30
CA ASN A 62 14.85 -19.12 -2.75
C ASN A 62 15.00 -17.80 -3.49
N VAL A 63 14.39 -16.71 -2.98
CA VAL A 63 14.63 -15.41 -3.58
C VAL A 63 16.10 -15.01 -3.40
N GLU A 64 16.66 -15.26 -2.22
CA GLU A 64 18.08 -14.94 -1.97
C GLU A 64 19.01 -15.68 -2.92
N LYS A 65 18.60 -16.86 -3.37
CA LYS A 65 19.43 -17.65 -4.27
C LYS A 65 19.36 -17.19 -5.73
N GLN A 66 18.51 -16.22 -6.06
CA GLN A 66 18.42 -15.73 -7.44
C GLN A 66 19.70 -14.98 -7.81
N PRO A 67 20.15 -15.07 -9.06
CA PRO A 67 21.39 -14.35 -9.46
C PRO A 67 21.46 -12.89 -9.07
N VAL A 68 20.38 -12.10 -9.22
CA VAL A 68 20.48 -10.67 -8.96
C VAL A 68 20.89 -10.42 -7.51
N ASN A 69 20.55 -11.34 -6.60
CA ASN A 69 20.94 -11.20 -5.21
C ASN A 69 22.28 -11.84 -4.90
N GLN A 70 22.51 -13.06 -5.41
CA GLN A 70 23.77 -13.74 -5.21
C GLN A 70 24.93 -12.91 -5.74
N ALA A 71 24.68 -12.15 -6.82
CA ALA A 71 25.77 -11.39 -7.45
C ALA A 71 26.43 -10.44 -6.47
N TYR A 72 25.67 -9.88 -5.54
CA TYR A 72 26.22 -8.85 -4.67
C TYR A 72 26.55 -9.36 -3.28
N LYS A 73 26.53 -10.67 -3.06
CA LYS A 73 26.91 -11.21 -1.76
C LYS A 73 28.36 -10.84 -1.49
N GLY A 74 28.61 -10.23 -0.33
CA GLY A 74 29.93 -9.73 0.01
C GLY A 74 30.23 -8.34 -0.49
N TYR A 75 29.38 -7.79 -1.36
CA TYR A 75 29.59 -6.45 -1.92
C TYR A 75 28.59 -5.43 -1.40
N VAL A 76 27.37 -5.85 -1.08
CA VAL A 76 26.39 -4.98 -0.43
C VAL A 76 26.23 -5.55 0.97
N VAL A 77 26.64 -4.79 1.99
CA VAL A 77 26.85 -5.32 3.33
C VAL A 77 26.36 -4.30 4.34
N ASN A 78 26.27 -4.76 5.60
CA ASN A 78 26.00 -3.89 6.74
C ASN A 78 24.74 -3.05 6.52
N GLN A 79 23.65 -3.75 6.20
CA GLN A 79 22.38 -3.13 5.88
C GLN A 79 21.54 -2.98 7.14
N VAL A 80 20.91 -1.82 7.31
CA VAL A 80 20.09 -1.56 8.49
C VAL A 80 18.76 -0.96 8.07
N LEU A 81 17.68 -1.43 8.71
CA LEU A 81 16.40 -0.73 8.59
C LEU A 81 16.54 0.73 9.05
N ASP A 82 16.02 1.65 8.24
CA ASP A 82 16.17 3.09 8.50
C ASP A 82 14.85 3.71 8.94
N THR A 83 13.86 3.78 8.05
CA THR A 83 12.53 4.28 8.36
C THR A 83 11.48 3.28 7.87
N TYR A 84 10.27 3.40 8.42
CA TYR A 84 9.20 2.50 8.03
C TYR A 84 7.85 3.18 8.28
N LYS A 85 6.91 2.91 7.39
CA LYS A 85 5.49 3.17 7.61
C LYS A 85 4.75 1.85 7.57
N ILE A 86 3.89 1.61 8.56
CA ILE A 86 3.20 0.33 8.70
C ILE A 86 1.70 0.60 8.60
N TYR A 87 1.06 0.03 7.58
CA TYR A 87 -0.37 0.24 7.32
C TYR A 87 -1.08 -1.09 7.51
N ILE A 88 -1.86 -1.22 8.59
CA ILE A 88 -2.46 -2.50 8.96
C ILE A 88 -3.94 -2.52 8.61
N ASP A 89 -4.35 -3.60 7.91
CA ASP A 89 -5.76 -3.95 7.67
C ASP A 89 -6.13 -4.99 8.72
N THR A 90 -6.79 -4.55 9.79
CA THR A 90 -7.05 -5.44 10.92
C THR A 90 -8.12 -6.49 10.60
N GLU A 91 -8.86 -6.36 9.51
CA GLU A 91 -9.90 -7.34 9.20
C GLU A 91 -9.37 -8.57 8.47
N ASN A 92 -8.26 -8.43 7.74
N ASN A 92 -8.26 -8.47 7.73
CA ASN A 92 -7.68 -9.53 6.97
CA ASN A 92 -7.73 -9.65 7.08
C ASN A 92 -6.26 -9.90 7.38
C ASN A 92 -6.24 -9.90 7.37
N ASN A 93 -5.69 -9.22 8.36
CA ASN A 93 -4.29 -9.43 8.78
C ASN A 93 -3.32 -9.20 7.63
N GLU A 94 -3.66 -8.31 6.71
CA GLU A 94 -2.75 -7.88 5.66
C GLU A 94 -2.16 -6.53 6.05
N VAL A 95 -0.90 -6.33 5.66
CA VAL A 95 -0.16 -5.12 6.02
C VAL A 95 0.56 -4.61 4.78
N ILE A 96 0.57 -3.29 4.60
N ILE A 96 0.50 -3.30 4.57
CA ILE A 96 1.40 -2.66 3.59
CA ILE A 96 1.38 -2.61 3.63
C ILE A 96 2.48 -1.85 4.31
C ILE A 96 2.51 -1.97 4.43
N VAL A 97 3.74 -2.10 3.95
CA VAL A 97 4.87 -1.48 4.62
C VAL A 97 5.63 -0.66 3.60
N ASP A 98 6.06 0.53 4.01
CA ASP A 98 6.86 1.41 3.16
C ASP A 98 8.14 1.69 3.93
N VAL A 99 9.27 1.20 3.42
CA VAL A 99 10.51 1.13 4.20
C VAL A 99 11.63 1.86 3.47
N THR A 100 12.53 2.47 4.24
CA THR A 100 13.85 2.78 3.69
C THR A 100 14.89 2.03 4.49
N TYR A 101 15.98 1.68 3.82
CA TYR A 101 17.09 0.99 4.47
C TYR A 101 18.39 1.49 3.87
N LYS A 102 19.46 1.41 4.67
CA LYS A 102 20.77 1.93 4.31
C LYS A 102 21.77 0.78 4.28
N ASN A 103 22.74 0.83 3.36
CA ASN A 103 23.77 -0.21 3.36
C ASN A 103 25.07 0.38 2.83
N THR A 104 26.12 -0.44 2.89
CA THR A 104 27.43 -0.12 2.35
C THR A 104 27.63 -0.90 1.06
N GLN A 105 28.14 -0.24 0.02
CA GLN A 105 28.53 -0.91 -1.21
C GLN A 105 30.06 -0.96 -1.27
N ARG A 106 30.62 -2.15 -1.13
CA ARG A 106 32.06 -2.32 -1.22
C ARG A 106 32.47 -2.53 -2.66
N THR A 107 33.67 -2.03 -3.00
CA THR A 107 34.26 -2.37 -4.28
C THR A 107 35.03 -3.69 -4.22
N LYS A 108 35.64 -4.01 -3.08
CA LYS A 108 36.32 -5.28 -2.86
C LYS A 108 35.73 -5.97 -1.65
N ARG A 109 35.53 -7.29 -1.76
CA ARG A 109 34.97 -8.07 -0.67
C ARG A 109 35.86 -7.97 0.57
N ASN A 110 35.22 -7.92 1.75
CA ASN A 110 35.88 -7.93 3.04
C ASN A 110 36.84 -6.76 3.22
N ASN A 111 36.61 -5.67 2.50
CA ASN A 111 37.52 -4.54 2.49
C ASN A 111 36.71 -3.27 2.43
N ASP A 112 36.98 -2.35 3.34
CA ASP A 112 36.20 -1.11 3.37
C ASP A 112 36.85 0.01 2.57
N GLU A 113 38.01 -0.23 1.97
CA GLU A 113 38.63 0.79 1.15
C GLU A 113 37.85 0.95 -0.16
N GLY A 114 37.47 2.18 -0.48
CA GLY A 114 36.66 2.47 -1.63
C GLY A 114 35.17 2.31 -1.42
N ALA A 115 34.75 1.86 -0.23
CA ALA A 115 33.34 1.57 -0.01
C ALA A 115 32.52 2.84 0.13
N LEU A 116 31.30 2.80 -0.42
CA LEU A 116 30.31 3.86 -0.22
C LEU A 116 29.41 3.45 0.94
N LYS A 117 29.38 4.27 1.99
CA LYS A 117 28.59 3.92 3.17
C LYS A 117 27.28 4.68 3.18
N ASN A 118 26.32 4.17 3.96
CA ASN A 118 25.06 4.87 4.23
C ASN A 118 24.30 5.22 2.95
N GLN A 119 24.30 4.29 2.01
CA GLN A 119 23.52 4.42 0.77
C GLN A 119 22.04 4.10 1.03
N SER A 120 21.16 5.02 0.61
CA SER A 120 19.74 4.87 0.93
C SER A 120 19.01 4.08 -0.15
N ASN A 121 18.01 3.31 0.29
CA ASN A 121 17.23 2.45 -0.60
C ASN A 121 15.79 2.46 -0.11
N GLN A 122 14.84 2.24 -1.02
CA GLN A 122 13.43 2.26 -0.65
C GLN A 122 12.73 1.03 -1.22
N GLU A 123 11.74 0.53 -0.49
CA GLU A 123 10.95 -0.62 -0.93
C GLU A 123 9.59 -0.58 -0.27
N ALA A 124 8.55 -1.02 -0.99
CA ALA A 124 7.23 -1.18 -0.40
C ALA A 124 6.73 -2.59 -0.67
N LEU A 125 6.07 -3.19 0.33
CA LEU A 125 5.63 -4.57 0.27
C LEU A 125 4.22 -4.70 0.82
N LYS A 126 3.52 -5.73 0.36
CA LYS A 126 2.29 -6.21 0.99
C LYS A 126 2.61 -7.51 1.72
N LEU A 127 2.35 -7.55 3.02
CA LEU A 127 2.60 -8.71 3.84
C LEU A 127 1.26 -9.31 4.29
N THR A 128 1.14 -10.64 4.20
CA THR A 128 -0.01 -11.36 4.75
C THR A 128 0.45 -12.15 5.96
N PHE A 129 -0.17 -11.91 7.12
CA PHE A 129 0.16 -12.63 8.34
C PHE A 129 -0.91 -13.67 8.62
N VAL A 130 -0.47 -14.77 9.23
CA VAL A 130 -1.39 -15.80 9.72
C VAL A 130 -1.11 -16.05 11.20
N LYS A 131 -2.15 -16.45 11.93
CA LYS A 131 -1.98 -16.86 13.31
C LYS A 131 -1.60 -18.35 13.31
N GLN A 132 -0.43 -18.66 13.89
CA GLN A 132 0.05 -20.04 13.97
C GLN A 132 0.41 -20.27 15.43
N GLY A 133 -0.46 -20.95 16.15
CA GLY A 133 -0.32 -21.04 17.60
C GLY A 133 -0.60 -19.69 18.23
N ALA A 134 0.31 -19.24 19.08
CA ALA A 134 0.15 -17.96 19.77
C ALA A 134 0.67 -16.77 18.98
N ASN A 135 1.33 -16.99 17.85
CA ASN A 135 2.09 -15.94 17.18
C ASN A 135 1.52 -15.63 15.81
N PHE A 136 1.60 -14.35 15.43
CA PHE A 136 1.36 -13.95 14.05
C PHE A 136 2.66 -14.10 13.25
N LEU A 137 2.60 -14.80 12.13
CA LEU A 137 3.76 -15.08 11.28
C LEU A 137 3.51 -14.57 9.87
N VAL A 138 4.56 -14.08 9.22
CA VAL A 138 4.42 -13.69 7.82
C VAL A 138 4.27 -14.95 6.96
N ASP A 139 3.20 -14.99 6.15
CA ASP A 139 2.99 -16.14 5.26
C ASP A 139 3.13 -15.80 3.79
N LYS A 140 2.90 -14.56 3.39
CA LYS A 140 3.06 -14.11 2.01
C LYS A 140 3.68 -12.72 1.98
N MET A 141 4.46 -12.46 0.92
CA MET A 141 5.10 -11.18 0.72
C MET A 141 5.10 -10.86 -0.76
N ALA A 142 4.65 -9.65 -1.12
CA ALA A 142 4.65 -9.23 -2.53
C ALA A 142 5.01 -7.76 -2.64
N PRO A 143 5.72 -7.38 -3.70
CA PRO A 143 6.01 -5.95 -3.90
C PRO A 143 4.75 -5.19 -4.31
N VAL A 144 4.70 -3.93 -3.90
CA VAL A 144 3.68 -2.98 -4.32
C VAL A 144 4.40 -1.68 -4.66
N THR A 145 3.70 -0.79 -5.36
CA THR A 145 4.26 0.53 -5.66
C THR A 145 3.37 1.61 -5.06
N LEU A 146 3.94 2.44 -4.19
CA LEU A 146 3.18 3.48 -3.52
C LEU A 146 3.49 4.87 -4.04
N THR A 147 4.35 5.00 -5.03
CA THR A 147 4.70 6.28 -5.62
C THR A 147 3.85 6.53 -6.86
N ASN A 148 4.08 7.68 -7.49
CA ASN A 148 3.30 8.10 -8.64
C ASN A 148 4.15 8.77 -9.71
N GLU B 21 -8.99 10.65 18.57
CA GLU B 21 -7.61 10.41 18.98
C GLU B 21 -6.83 9.67 17.89
N GLU B 22 -7.21 8.42 17.62
CA GLU B 22 -6.57 7.62 16.60
C GLU B 22 -7.47 7.54 15.36
N LEU B 23 -6.86 7.60 14.18
CA LEU B 23 -7.62 7.44 12.95
C LEU B 23 -8.21 6.03 12.87
N THR B 24 -9.52 5.95 12.63
CA THR B 24 -10.25 4.69 12.69
C THR B 24 -10.80 4.31 11.33
N THR B 25 -11.06 3.01 11.19
CA THR B 25 -11.65 2.53 9.94
C THR B 25 -13.03 3.12 9.68
N SER B 26 -13.78 3.49 10.73
CA SER B 26 -15.10 4.09 10.52
C SER B 26 -14.99 5.43 9.79
N THR B 27 -14.00 6.25 10.17
CA THR B 27 -13.76 7.50 9.49
C THR B 27 -13.38 7.27 8.04
N VAL B 28 -12.54 6.27 7.78
CA VAL B 28 -12.13 6.02 6.40
C VAL B 28 -13.32 5.54 5.57
N LYS B 29 -14.14 4.66 6.14
CA LYS B 29 -15.27 4.12 5.41
C LYS B 29 -16.24 5.23 5.03
N LYS B 30 -16.50 6.16 5.96
CA LYS B 30 -17.41 7.26 5.68
C LYS B 30 -16.92 8.07 4.48
N PHE B 31 -15.61 8.33 4.39
CA PHE B 31 -15.09 9.00 3.21
C PHE B 31 -15.25 8.14 1.96
N LEU B 32 -14.97 6.83 2.06
CA LEU B 32 -15.04 5.98 0.86
C LEU B 32 -16.45 5.96 0.29
N ILE B 33 -17.45 5.87 1.16
CA ILE B 33 -18.83 5.92 0.69
C ILE B 33 -19.13 7.26 0.03
N ALA B 34 -18.69 8.36 0.65
CA ALA B 34 -18.94 9.67 0.05
C ALA B 34 -18.21 9.82 -1.29
N TYR B 35 -17.04 9.21 -1.44
CA TYR B 35 -16.23 9.40 -2.64
C TYR B 35 -16.62 8.45 -3.77
N TYR B 36 -17.05 7.22 -3.46
CA TYR B 36 -17.30 6.22 -4.48
C TYR B 36 -18.77 6.00 -4.81
N THR B 37 -19.71 6.29 -3.90
CA THR B 37 -21.13 6.07 -4.18
C THR B 37 -21.74 7.39 -4.64
N LYS B 38 -22.10 7.45 -5.93
CA LYS B 38 -22.64 8.66 -6.54
C LYS B 38 -23.49 8.26 -7.73
N LYS B 39 -24.46 9.12 -8.08
CA LYS B 39 -25.32 8.80 -9.21
C LYS B 39 -24.69 9.23 -10.53
N ASP B 40 -23.78 10.20 -10.49
CA ASP B 40 -23.15 10.75 -11.68
C ASP B 40 -22.01 11.64 -11.21
N LEU B 41 -21.16 12.04 -12.16
CA LEU B 41 -20.00 12.87 -11.87
C LEU B 41 -20.42 14.18 -11.21
N GLY B 42 -19.76 14.53 -10.11
CA GLY B 42 -20.05 15.73 -9.36
C GLY B 42 -21.21 15.65 -8.39
N GLU B 43 -22.05 14.62 -8.49
CA GLU B 43 -23.27 14.51 -7.69
C GLU B 43 -22.98 14.30 -6.21
N ASN B 44 -21.79 13.80 -5.86
CA ASN B 44 -21.43 13.51 -4.49
C ASN B 44 -20.61 14.62 -3.82
N ARG B 45 -20.42 15.75 -4.52
CA ARG B 45 -19.56 16.80 -3.98
C ARG B 45 -20.02 17.26 -2.60
N ASN B 46 -21.34 17.42 -2.41
CA ASN B 46 -21.81 17.87 -1.11
C ASN B 46 -21.57 16.86 -0.01
N ARG B 47 -21.44 15.58 -0.37
CA ARG B 47 -21.20 14.56 0.65
C ARG B 47 -19.72 14.42 1.01
N TYR B 48 -18.80 14.63 0.06
CA TYR B 48 -17.40 14.53 0.47
C TYR B 48 -16.81 15.87 0.89
N GLU B 49 -17.45 16.99 0.57
CA GLU B 49 -16.87 18.27 0.96
C GLU B 49 -16.62 18.42 2.46
N PRO B 50 -17.51 18.02 3.37
CA PRO B 50 -17.17 18.16 4.80
C PRO B 50 -16.12 17.16 5.29
N LEU B 51 -15.73 16.18 4.48
CA LEU B 51 -14.79 15.15 4.91
C LEU B 51 -13.36 15.43 4.43
N VAL B 52 -13.14 16.51 3.68
CA VAL B 52 -11.83 16.82 3.12
C VAL B 52 -11.49 18.27 3.45
N THR B 53 -10.20 18.58 3.36
CA THR B 53 -9.75 19.96 3.56
C THR B 53 -10.20 20.83 2.38
N SER B 54 -10.14 22.15 2.59
CA SER B 54 -10.47 23.08 1.52
C SER B 54 -9.61 22.84 0.28
N ALA B 55 -8.30 22.70 0.49
CA ALA B 55 -7.38 22.46 -0.62
C ALA B 55 -7.71 21.17 -1.35
N MET B 56 -8.00 20.09 -0.60
CA MET B 56 -8.34 18.83 -1.23
C MET B 56 -9.62 18.95 -2.05
N TYR B 57 -10.65 19.59 -1.48
CA TYR B 57 -11.91 19.78 -2.20
C TYR B 57 -11.68 20.43 -3.56
N ASN B 58 -10.92 21.53 -3.57
CA ASN B 58 -10.68 22.25 -4.82
C ASN B 58 -9.94 21.37 -5.82
N GLU B 59 -8.95 20.59 -5.34
CA GLU B 59 -8.25 19.66 -6.22
C GLU B 59 -9.21 18.62 -6.79
N LEU B 60 -10.07 18.04 -5.93
CA LEU B 60 -10.99 17.02 -6.42
C LEU B 60 -11.91 17.56 -7.51
N VAL B 61 -12.44 18.77 -7.32
CA VAL B 61 -13.36 19.34 -8.31
C VAL B 61 -12.64 19.61 -9.62
N ASN B 62 -11.38 20.07 -9.54
CA ASN B 62 -10.61 20.33 -10.75
C ASN B 62 -10.30 19.06 -11.52
N VAL B 63 -10.01 17.96 -10.80
CA VAL B 63 -9.83 16.68 -11.48
C VAL B 63 -11.12 16.27 -12.18
N GLU B 64 -12.27 16.59 -11.57
CA GLU B 64 -13.55 16.25 -12.18
C GLU B 64 -13.78 17.07 -13.46
N LYS B 65 -13.32 18.32 -13.49
CA LYS B 65 -13.49 19.18 -14.64
C LYS B 65 -12.53 18.86 -15.79
N GLN B 66 -11.61 17.91 -15.61
CA GLN B 66 -10.73 17.54 -16.71
C GLN B 66 -11.53 16.85 -17.82
N PRO B 67 -11.25 17.14 -19.09
CA PRO B 67 -12.03 16.51 -20.18
C PRO B 67 -11.98 14.99 -20.14
N VAL B 68 -10.94 14.40 -19.55
CA VAL B 68 -10.89 12.97 -19.35
C VAL B 68 -12.14 12.49 -18.61
N ASN B 69 -12.50 13.21 -17.54
CA ASN B 69 -13.61 12.80 -16.68
C ASN B 69 -14.96 13.35 -17.15
N GLN B 70 -14.95 14.56 -17.70
CA GLN B 70 -16.19 15.17 -18.21
C GLN B 70 -16.76 14.37 -19.36
N ALA B 71 -15.91 13.63 -20.08
CA ALA B 71 -16.38 12.83 -21.20
C ALA B 71 -17.37 11.76 -20.76
N TYR B 72 -17.25 11.29 -19.53
CA TYR B 72 -18.13 10.24 -19.02
C TYR B 72 -19.30 10.77 -18.20
N LYS B 73 -19.41 12.09 -18.03
CA LYS B 73 -20.59 12.65 -17.40
C LYS B 73 -21.83 12.33 -18.21
N GLY B 74 -22.82 11.73 -17.55
CA GLY B 74 -24.02 11.29 -18.23
C GLY B 74 -23.97 9.90 -18.81
N TYR B 75 -22.78 9.27 -18.84
CA TYR B 75 -22.63 7.90 -19.31
C TYR B 75 -22.43 6.89 -18.19
N VAL B 76 -21.57 7.22 -17.23
CA VAL B 76 -21.27 6.35 -16.10
C VAL B 76 -22.08 6.85 -14.91
N VAL B 77 -23.04 6.05 -14.45
CA VAL B 77 -24.03 6.46 -13.47
C VAL B 77 -24.32 5.31 -12.50
N ASN B 78 -25.05 5.64 -11.44
CA ASN B 78 -25.50 4.67 -10.44
C ASN B 78 -24.34 3.86 -9.89
N GLN B 79 -23.32 4.55 -9.44
CA GLN B 79 -22.11 3.92 -8.96
C GLN B 79 -22.21 3.68 -7.45
N VAL B 80 -21.76 2.51 -7.01
CA VAL B 80 -21.89 2.10 -5.62
C VAL B 80 -20.58 1.46 -5.18
N LEU B 81 -20.11 1.85 -3.99
CA LEU B 81 -18.99 1.18 -3.36
C LEU B 81 -19.34 -0.27 -3.08
N ASP B 82 -18.42 -1.18 -3.40
CA ASP B 82 -18.68 -2.62 -3.26
C ASP B 82 -17.78 -3.15 -2.17
N THR B 83 -16.59 -3.66 -2.47
CA THR B 83 -15.68 -4.15 -1.46
C THR B 83 -14.62 -3.10 -1.16
N TYR B 84 -14.04 -3.21 0.03
CA TYR B 84 -12.99 -2.28 0.40
C TYR B 84 -12.07 -2.96 1.39
N LYS B 85 -10.77 -2.72 1.23
CA LYS B 85 -9.77 -3.10 2.22
C LYS B 85 -9.10 -1.83 2.68
N ILE B 86 -9.00 -1.66 4.00
CA ILE B 86 -8.55 -0.40 4.60
C ILE B 86 -7.30 -0.71 5.43
N TYR B 87 -6.15 -0.16 5.01
CA TYR B 87 -4.86 -0.34 5.72
C TYR B 87 -4.49 1.00 6.37
N ILE B 88 -4.47 1.05 7.69
CA ILE B 88 -4.27 2.31 8.41
C ILE B 88 -2.89 2.34 9.06
N ASP B 89 -2.16 3.42 8.81
CA ASP B 89 -0.93 3.77 9.53
C ASP B 89 -1.32 4.77 10.61
N THR B 90 -1.52 4.28 11.84
CA THR B 90 -2.01 5.16 12.90
C THR B 90 -0.94 6.10 13.42
N GLU B 91 0.34 5.82 13.15
CA GLU B 91 1.35 6.78 13.59
C GLU B 91 1.42 8.00 12.68
N ASN B 92 1.12 7.85 11.39
CA ASN B 92 1.25 8.94 10.44
C ASN B 92 -0.07 9.45 9.87
N ASN B 93 -1.20 8.90 10.33
CA ASN B 93 -2.53 9.27 9.81
C ASN B 93 -2.59 9.16 8.29
N GLU B 94 -2.01 8.09 7.75
CA GLU B 94 -2.10 7.81 6.32
C GLU B 94 -2.79 6.46 6.15
N VAL B 95 -3.49 6.31 5.03
CA VAL B 95 -4.29 5.11 4.79
C VAL B 95 -4.10 4.67 3.35
N ILE B 96 -3.93 3.38 3.15
N ILE B 96 -3.99 3.37 3.13
CA ILE B 96 -4.05 2.75 1.83
CA ILE B 96 -4.04 2.80 1.79
C ILE B 96 -5.42 2.11 1.75
C ILE B 96 -5.33 2.01 1.67
N VAL B 97 -6.12 2.34 0.65
CA VAL B 97 -7.42 1.69 0.43
C VAL B 97 -7.37 0.94 -0.88
N ASP B 98 -7.99 -0.25 -0.90
CA ASP B 98 -8.13 -1.06 -2.11
C ASP B 98 -9.61 -1.37 -2.29
N VAL B 99 -10.21 -0.80 -3.33
CA VAL B 99 -11.64 -0.67 -3.48
C VAL B 99 -12.12 -1.35 -4.76
N THR B 100 -13.32 -1.94 -4.69
CA THR B 100 -14.07 -2.22 -5.91
C THR B 100 -15.37 -1.45 -5.83
N TYR B 101 -15.86 -1.05 -7.00
CA TYR B 101 -17.14 -0.38 -7.08
C TYR B 101 -17.83 -0.78 -8.37
N LYS B 102 -19.17 -0.82 -8.32
CA LYS B 102 -19.98 -1.17 -9.47
C LYS B 102 -20.74 0.05 -9.98
N ASN B 103 -20.91 0.12 -11.29
CA ASN B 103 -21.68 1.21 -11.88
C ASN B 103 -22.38 0.72 -13.15
N THR B 104 -23.19 1.61 -13.71
CA THR B 104 -23.86 1.36 -14.98
C THR B 104 -23.18 2.19 -16.06
N GLN B 105 -22.89 1.56 -17.20
CA GLN B 105 -22.19 2.22 -18.30
C GLN B 105 -23.14 2.38 -19.47
N ARG B 106 -23.62 3.60 -19.68
CA ARG B 106 -24.57 3.88 -20.75
C ARG B 106 -23.87 3.90 -22.10
N THR B 107 -24.61 3.53 -23.14
CA THR B 107 -24.17 3.70 -24.51
C THR B 107 -24.59 5.05 -25.08
N LYS B 108 -25.71 5.61 -24.63
CA LYS B 108 -26.15 6.93 -25.03
C LYS B 108 -26.38 7.79 -23.79
N ARG B 109 -25.91 9.04 -23.85
CA ARG B 109 -25.86 9.88 -22.67
C ARG B 109 -27.27 10.25 -22.21
N ASN B 110 -27.44 10.30 -20.88
CA ASN B 110 -28.70 10.67 -20.24
C ASN B 110 -29.83 9.73 -20.62
N ASN B 111 -29.51 8.52 -21.03
CA ASN B 111 -30.52 7.57 -21.52
C ASN B 111 -30.07 6.17 -21.14
N ASP B 112 -30.90 5.46 -20.37
CA ASP B 112 -30.56 4.13 -19.87
C ASP B 112 -30.77 3.02 -20.90
N GLU B 113 -31.20 3.36 -22.10
CA GLU B 113 -31.53 2.35 -23.11
C GLU B 113 -30.25 1.72 -23.66
N GLY B 114 -30.09 0.41 -23.45
CA GLY B 114 -28.92 -0.30 -23.94
C GLY B 114 -27.69 -0.20 -23.07
N ALA B 115 -27.85 0.19 -21.81
CA ALA B 115 -26.71 0.36 -20.92
C ALA B 115 -26.31 -0.97 -20.29
N LEU B 116 -25.03 -1.08 -19.93
CA LEU B 116 -24.52 -2.24 -19.20
C LEU B 116 -24.58 -1.95 -17.70
N LYS B 117 -25.18 -2.86 -16.94
CA LYS B 117 -25.40 -2.65 -15.53
C LYS B 117 -24.46 -3.51 -14.70
N ASN B 118 -24.30 -3.11 -13.43
CA ASN B 118 -23.45 -3.82 -12.45
C ASN B 118 -22.07 -4.15 -13.01
N GLN B 119 -21.42 -3.15 -13.60
CA GLN B 119 -20.08 -3.30 -14.14
C GLN B 119 -19.06 -3.08 -13.02
N SER B 120 -18.07 -3.96 -12.92
CA SER B 120 -17.11 -3.90 -11.82
C SER B 120 -15.89 -3.06 -12.19
N ASN B 121 -15.33 -2.37 -11.19
CA ASN B 121 -14.16 -1.55 -11.34
C ASN B 121 -13.31 -1.67 -10.08
N GLN B 122 -12.02 -1.37 -10.22
CA GLN B 122 -11.09 -1.46 -9.10
C GLN B 122 -10.21 -0.22 -9.05
N GLU B 123 -9.87 0.20 -7.82
CA GLU B 123 -8.99 1.34 -7.63
C GLU B 123 -8.30 1.21 -6.28
N ALA B 124 -7.01 1.57 -6.23
CA ALA B 124 -6.29 1.66 -4.96
C ALA B 124 -5.71 3.06 -4.80
N LEU B 125 -5.83 3.61 -3.58
CA LEU B 125 -5.41 4.97 -3.31
C LEU B 125 -4.60 5.04 -2.03
N LYS B 126 -3.72 6.05 -1.96
CA LYS B 126 -3.12 6.49 -0.70
C LYS B 126 -3.79 7.77 -0.25
N LEU B 127 -4.34 7.77 0.96
CA LEU B 127 -5.03 8.92 1.52
C LEU B 127 -4.24 9.46 2.69
N THR B 128 -3.99 10.76 2.69
CA THR B 128 -3.32 11.43 3.79
C THR B 128 -4.35 12.26 4.56
N PHE B 129 -4.50 11.96 5.85
CA PHE B 129 -5.45 12.67 6.69
C PHE B 129 -4.72 13.69 7.58
N VAL B 130 -5.44 14.76 7.91
CA VAL B 130 -4.97 15.74 8.89
C VAL B 130 -6.06 15.91 9.94
N LYS B 131 -5.64 16.19 11.17
CA LYS B 131 -6.58 16.46 12.24
C LYS B 131 -6.78 17.97 12.31
N GLN B 132 -7.98 18.42 11.92
CA GLN B 132 -8.34 19.84 11.83
C GLN B 132 -9.54 20.02 12.75
N GLY B 133 -9.30 20.53 13.95
CA GLY B 133 -10.31 20.50 14.98
C GLY B 133 -10.29 19.14 15.66
N ALA B 134 -11.47 18.55 15.85
CA ALA B 134 -11.58 17.21 16.39
C ALA B 134 -11.87 16.17 15.31
N ASN B 135 -11.82 16.56 14.04
CA ASN B 135 -12.14 15.68 12.93
C ASN B 135 -10.92 15.42 12.06
N PHE B 136 -10.82 14.18 11.57
CA PHE B 136 -9.85 13.82 10.55
C PHE B 136 -10.41 14.15 9.17
N LEU B 137 -9.63 14.89 8.38
CA LEU B 137 -10.01 15.27 7.03
C LEU B 137 -8.97 14.76 6.03
N VAL B 138 -9.44 14.34 4.85
CA VAL B 138 -8.51 13.97 3.78
C VAL B 138 -7.86 15.23 3.22
N ASP B 139 -6.53 15.26 3.20
CA ASP B 139 -5.79 16.39 2.67
C ASP B 139 -5.06 16.07 1.38
N LYS B 140 -4.63 14.82 1.17
CA LYS B 140 -3.98 14.41 -0.05
C LYS B 140 -4.49 13.05 -0.48
N MET B 141 -4.47 12.82 -1.79
CA MET B 141 -4.94 11.58 -2.40
C MET B 141 -4.06 11.26 -3.59
N ALA B 142 -3.59 10.02 -3.68
CA ALA B 142 -2.72 9.65 -4.79
C ALA B 142 -2.98 8.20 -5.18
N PRO B 143 -2.88 7.87 -6.46
CA PRO B 143 -3.05 6.46 -6.85
C PRO B 143 -1.84 5.63 -6.44
N VAL B 144 -2.11 4.36 -6.11
CA VAL B 144 -1.07 3.37 -5.85
C VAL B 144 -1.44 2.10 -6.61
N THR B 145 -0.48 1.20 -6.72
CA THR B 145 -0.72 -0.09 -7.38
C THR B 145 -0.31 -1.21 -6.46
N LEU B 146 -1.27 -2.07 -6.11
CA LEU B 146 -1.06 -3.15 -5.16
C LEU B 146 -1.04 -4.55 -5.78
N THR B 147 -1.21 -4.66 -7.10
CA THR B 147 -1.54 -5.94 -7.73
C THR B 147 -0.31 -6.69 -8.25
N ASN B 148 -0.47 -8.01 -8.32
CA ASN B 148 0.52 -8.92 -8.91
C ASN B 148 0.98 -8.48 -10.30
N GLU B 149 0.03 -8.10 -11.15
CA GLU B 149 0.28 -7.95 -12.58
C GLU B 149 1.42 -6.98 -12.86
N LEU B 150 1.33 -5.79 -12.28
CA LEU B 150 2.19 -4.64 -12.58
C LEU B 150 3.59 -4.75 -12.00
N GLN B 151 3.83 -5.72 -11.12
CA GLN B 151 5.07 -5.74 -10.34
C GLN B 151 6.21 -6.29 -11.16
N GLU B 152 7.35 -6.47 -10.50
CA GLU B 152 8.59 -6.91 -11.11
C GLU B 152 8.65 -8.43 -11.20
N GLU B 153 9.55 -8.92 -12.06
CA GLU B 153 9.99 -10.31 -11.99
C GLU B 153 11.01 -10.45 -10.86
N PRO B 154 11.02 -11.59 -10.15
CA PRO B 154 11.81 -11.65 -8.91
C PRO B 154 13.31 -11.52 -9.13
N ASN B 155 13.84 -12.19 -10.15
CA ASN B 155 15.26 -12.09 -10.51
C ASN B 155 15.50 -10.83 -11.36
N SER B 156 15.23 -9.66 -10.79
CA SER B 156 15.38 -8.37 -11.49
C SER B 156 15.94 -7.32 -10.56
N TYR B 157 16.61 -6.32 -11.13
CA TYR B 157 17.02 -5.17 -10.37
C TYR B 157 15.79 -4.33 -10.00
N ASN B 158 15.78 -3.82 -8.77
CA ASN B 158 14.63 -3.04 -8.28
C ASN B 158 14.32 -1.83 -9.14
C1 BTB C . 15.06 -7.24 0.14
O1 BTB C . 14.56 -6.31 1.06
C2 BTB C . 16.34 -6.76 -0.54
C3 BTB C . 15.99 -5.91 -1.76
O3 BTB C . 14.73 -6.32 -2.25
C4 BTB C . 17.20 -5.89 0.39
O4 BTB C . 17.70 -6.70 1.44
N BTB C . 17.10 -7.97 -0.92
C5 BTB C . 16.22 -9.01 -1.51
C6 BTB C . 16.38 -10.35 -0.81
O6 BTB C . 17.28 -10.30 0.26
C7 BTB C . 18.23 -7.69 -1.79
C8 BTB C . 19.45 -8.54 -1.38
O8 BTB C . 19.71 -8.42 0.00
C1 BTB D . -12.73 8.10 -9.15
O1 BTB D . -12.79 6.87 -8.47
C2 BTB D . -13.06 7.90 -10.62
C3 BTB D . -14.28 6.97 -10.74
O3 BTB D . -15.31 7.45 -9.92
C4 BTB D . -11.89 7.23 -11.36
O4 BTB D . -10.69 7.48 -10.67
N BTB D . -13.38 9.21 -11.21
C5 BTB D . -12.29 10.17 -11.02
C6 BTB D . -12.83 11.46 -10.40
O6 BTB D . -14.12 11.24 -9.90
C7 BTB D . -13.76 9.11 -12.61
C8 BTB D . -15.01 9.97 -12.90
O8 BTB D . -16.05 9.61 -12.03
#